data_6KMY
#
_entry.id   6KMY
#
_entity_poly.entity_id   1
_entity_poly.type   'polypeptide(L)'
_entity_poly.pdbx_seq_one_letter_code
;GFRSACPPFC(NH2)
;
_entity_poly.pdbx_strand_id   A
#
# COMPACT_ATOMS: atom_id res chain seq x y z
N GLY A 1 -8.19 -6.43 2.78
CA GLY A 1 -7.43 -5.55 3.68
C GLY A 1 -6.91 -4.33 2.96
N PHE A 2 -6.78 -3.23 3.68
CA PHE A 2 -6.26 -2.00 3.10
C PHE A 2 -4.99 -1.58 3.80
N ARG A 3 -3.90 -1.74 3.09
CA ARG A 3 -2.59 -1.43 3.60
C ARG A 3 -1.68 -0.94 2.48
N SER A 4 -0.73 -0.10 2.82
CA SER A 4 0.17 0.47 1.86
C SER A 4 1.35 -0.46 1.60
N ALA A 5 1.10 -1.46 0.83
CA ALA A 5 2.13 -2.40 0.45
C ALA A 5 2.50 -2.22 -1.00
N CYS A 6 3.29 -1.22 -1.26
CA CYS A 6 3.76 -1.00 -2.61
C CYS A 6 4.93 -1.91 -2.92
N PRO A 7 5.13 -2.23 -4.20
CA PRO A 7 4.30 -1.71 -5.29
C PRO A 7 2.95 -2.44 -5.41
N PRO A 8 1.93 -1.77 -5.97
CA PRO A 8 2.00 -0.38 -6.41
C PRO A 8 1.05 0.56 -5.62
N PHE A 9 1.05 0.47 -4.29
CA PHE A 9 0.15 1.32 -3.49
C PHE A 9 0.77 1.81 -2.18
N CYS A 10 1.30 3.03 -2.20
CA CYS A 10 1.79 3.69 -0.97
C CYS A 10 1.95 5.19 -1.20
N GLY A 1 -7.92 -5.92 2.50
CA GLY A 1 -7.81 -4.59 3.11
C GLY A 1 -6.83 -3.71 2.39
N PHE A 2 -7.05 -2.41 2.43
CA PHE A 2 -6.18 -1.48 1.76
C PHE A 2 -5.05 -1.06 2.66
N ARG A 3 -3.87 -1.40 2.24
CA ARG A 3 -2.66 -1.12 3.00
C ARG A 3 -1.64 -0.47 2.09
N SER A 4 -0.79 0.35 2.66
CA SER A 4 0.25 0.97 1.89
C SER A 4 1.41 0.03 1.75
N ALA A 5 1.24 -0.91 0.88
CA ALA A 5 2.26 -1.89 0.60
C ALA A 5 2.58 -1.85 -0.86
N CYS A 6 3.39 -0.90 -1.25
CA CYS A 6 3.82 -0.82 -2.63
C CYS A 6 4.92 -1.82 -2.89
N PRO A 7 5.06 -2.26 -4.15
CA PRO A 7 4.22 -1.79 -5.26
C PRO A 7 2.85 -2.48 -5.32
N PRO A 8 1.85 -1.84 -5.95
CA PRO A 8 1.97 -0.50 -6.50
C PRO A 8 1.08 0.52 -5.75
N PHE A 9 1.08 0.49 -4.41
CA PHE A 9 0.23 1.41 -3.65
C PHE A 9 0.85 1.78 -2.29
N CYS A 10 1.33 3.01 -2.17
CA CYS A 10 1.81 3.54 -0.89
C CYS A 10 1.88 5.07 -0.90
N GLY A 1 -8.53 2.98 7.87
CA GLY A 1 -7.10 3.04 7.49
C GLY A 1 -6.85 2.37 6.15
N PHE A 2 -5.85 2.84 5.44
CA PHE A 2 -5.53 2.29 4.14
C PHE A 2 -4.29 1.41 4.22
N ARG A 3 -4.24 0.39 3.39
CA ARG A 3 -3.12 -0.52 3.38
C ARG A 3 -2.03 -0.04 2.43
N SER A 4 -0.84 0.10 2.95
CA SER A 4 0.28 0.58 2.19
C SER A 4 1.24 -0.55 1.93
N ALA A 5 1.10 -1.17 0.82
CA ALA A 5 2.00 -2.20 0.40
C ALA A 5 2.39 -2.01 -1.05
N CYS A 6 3.30 -1.10 -1.28
CA CYS A 6 3.79 -0.89 -2.63
C CYS A 6 4.94 -1.84 -2.92
N PRO A 7 5.10 -2.23 -4.19
CA PRO A 7 4.27 -1.76 -5.28
C PRO A 7 2.91 -2.47 -5.34
N PRO A 8 1.89 -1.82 -5.93
CA PRO A 8 1.98 -0.47 -6.45
C PRO A 8 1.08 0.53 -5.69
N PHE A 9 1.07 0.48 -4.35
CA PHE A 9 0.21 1.38 -3.58
C PHE A 9 0.81 1.81 -2.24
N CYS A 10 1.33 3.03 -2.18
CA CYS A 10 1.80 3.62 -0.92
C CYS A 10 1.92 5.14 -1.04
N GLY A 1 -6.83 1.00 11.00
CA GLY A 1 -5.59 1.52 10.41
C GLY A 1 -5.45 1.14 8.96
N PHE A 2 -5.09 2.09 8.12
CA PHE A 2 -4.93 1.83 6.71
C PHE A 2 -3.51 1.40 6.41
N ARG A 3 -3.36 0.56 5.42
CA ARG A 3 -2.07 0.03 5.03
C ARG A 3 -1.90 0.10 3.52
N SER A 4 -0.66 0.25 3.09
CA SER A 4 -0.35 0.35 1.69
C SER A 4 1.02 -0.26 1.44
N ALA A 5 1.02 -1.42 0.87
CA ALA A 5 2.24 -2.14 0.58
C ALA A 5 2.56 -2.08 -0.89
N CYS A 6 3.28 -1.07 -1.27
CA CYS A 6 3.72 -0.93 -2.63
C CYS A 6 4.90 -1.84 -2.91
N PRO A 7 5.11 -2.21 -4.18
CA PRO A 7 4.28 -1.75 -5.30
C PRO A 7 2.91 -2.46 -5.36
N PRO A 8 1.89 -1.82 -5.95
CA PRO A 8 1.97 -0.45 -6.46
C PRO A 8 1.06 0.53 -5.68
N PHE A 9 1.09 0.46 -4.35
CA PHE A 9 0.23 1.34 -3.54
C PHE A 9 0.89 1.78 -2.24
N CYS A 10 1.33 3.03 -2.18
CA CYS A 10 1.83 3.63 -0.94
C CYS A 10 1.88 5.15 -1.04
N GLY A 1 -9.06 3.94 6.11
CA GLY A 1 -7.88 3.13 6.42
C GLY A 1 -7.20 2.62 5.18
N PHE A 2 -6.06 3.20 4.85
CA PHE A 2 -5.30 2.79 3.68
C PHE A 2 -4.12 1.93 4.08
N ARG A 3 -3.77 0.99 3.23
CA ARG A 3 -2.63 0.12 3.47
C ARG A 3 -1.57 0.35 2.43
N SER A 4 -0.48 0.94 2.84
CA SER A 4 0.57 1.31 1.96
C SER A 4 1.60 0.21 1.81
N ALA A 5 1.29 -0.71 0.96
CA ALA A 5 2.19 -1.78 0.63
C ALA A 5 2.50 -1.76 -0.84
N CYS A 6 3.38 -0.89 -1.24
CA CYS A 6 3.79 -0.83 -2.63
C CYS A 6 4.88 -1.85 -2.88
N PRO A 7 5.04 -2.27 -4.14
CA PRO A 7 4.24 -1.78 -5.27
C PRO A 7 2.88 -2.47 -5.38
N PRO A 8 1.88 -1.80 -6.00
CA PRO A 8 2.00 -0.44 -6.47
C PRO A 8 1.08 0.54 -5.71
N PHE A 9 1.07 0.46 -4.37
CA PHE A 9 0.21 1.34 -3.57
C PHE A 9 0.85 1.75 -2.25
N CYS A 10 1.33 3.00 -2.18
CA CYS A 10 1.85 3.56 -0.93
C CYS A 10 1.89 5.07 -0.99
N GLY A 1 -7.12 1.85 9.98
CA GLY A 1 -5.92 1.13 9.49
C GLY A 1 -5.89 1.05 7.99
N PHE A 2 -4.78 1.49 7.40
CA PHE A 2 -4.63 1.45 5.96
C PHE A 2 -3.59 0.45 5.55
N ARG A 3 -3.84 -0.21 4.45
CA ARG A 3 -2.93 -1.18 3.91
C ARG A 3 -2.34 -0.67 2.62
N SER A 4 -1.05 -0.42 2.65
CA SER A 4 -0.37 0.11 1.51
C SER A 4 0.99 -0.55 1.35
N ALA A 5 0.99 -1.69 0.69
CA ALA A 5 2.19 -2.43 0.45
C ALA A 5 2.58 -2.29 -0.98
N CYS A 6 3.27 -1.22 -1.28
CA CYS A 6 3.73 -0.99 -2.63
C CYS A 6 4.95 -1.84 -2.93
N PRO A 7 5.17 -2.18 -4.20
CA PRO A 7 4.29 -1.74 -5.32
C PRO A 7 2.94 -2.47 -5.33
N PRO A 8 1.90 -1.83 -5.90
CA PRO A 8 1.96 -0.47 -6.45
C PRO A 8 1.04 0.52 -5.69
N PHE A 9 1.07 0.50 -4.35
CA PHE A 9 0.20 1.39 -3.57
C PHE A 9 0.85 1.84 -2.24
N CYS A 10 1.31 3.07 -2.18
CA CYS A 10 1.81 3.67 -0.93
C CYS A 10 1.89 5.18 -1.03
N GLY A 1 -8.93 0.82 7.86
CA GLY A 1 -7.49 1.15 7.73
C GLY A 1 -6.83 0.29 6.68
N PHE A 2 -6.08 0.93 5.81
CA PHE A 2 -5.37 0.22 4.76
C PHE A 2 -3.88 0.41 4.91
N ARG A 3 -3.13 -0.59 4.52
CA ARG A 3 -1.68 -0.55 4.64
C ARG A 3 -1.05 -0.24 3.29
N SER A 4 0.07 0.46 3.33
CA SER A 4 0.76 0.86 2.15
C SER A 4 1.79 -0.18 1.76
N ALA A 5 1.35 -1.17 1.06
CA ALA A 5 2.24 -2.21 0.59
C ALA A 5 2.50 -2.07 -0.89
N CYS A 6 3.37 -1.17 -1.23
CA CYS A 6 3.78 -1.00 -2.60
C CYS A 6 4.92 -1.96 -2.93
N PRO A 7 5.09 -2.30 -4.20
CA PRO A 7 4.29 -1.76 -5.30
C PRO A 7 2.92 -2.45 -5.44
N PRO A 8 1.92 -1.74 -6.00
CA PRO A 8 2.03 -0.35 -6.42
C PRO A 8 1.10 0.59 -5.61
N PHE A 9 1.07 0.46 -4.28
CA PHE A 9 0.16 1.27 -3.46
C PHE A 9 0.83 1.80 -2.18
N CYS A 10 1.28 3.04 -2.21
CA CYS A 10 1.78 3.72 -1.00
C CYS A 10 1.83 5.23 -1.19
N GLY A 1 -3.75 5.97 10.60
CA GLY A 1 -3.56 4.58 10.15
C GLY A 1 -3.67 4.45 8.66
N PHE A 2 -2.57 4.11 8.02
CA PHE A 2 -2.56 3.92 6.58
C PHE A 2 -1.97 2.57 6.24
N ARG A 3 -2.47 1.95 5.21
CA ARG A 3 -1.96 0.69 4.75
C ARG A 3 -1.29 0.88 3.42
N SER A 4 0.02 0.86 3.43
CA SER A 4 0.80 1.15 2.27
C SER A 4 1.88 0.10 2.09
N ALA A 5 1.61 -0.81 1.21
CA ALA A 5 2.57 -1.83 0.85
C ALA A 5 2.75 -1.86 -0.65
N CYS A 6 3.55 -0.95 -1.14
CA CYS A 6 3.85 -0.92 -2.56
C CYS A 6 4.91 -1.94 -2.90
N PRO A 7 5.02 -2.33 -4.17
CA PRO A 7 4.20 -1.77 -5.25
C PRO A 7 2.84 -2.46 -5.41
N PRO A 8 1.87 -1.79 -6.03
CA PRO A 8 2.00 -0.42 -6.50
C PRO A 8 1.09 0.57 -5.71
N PHE A 9 1.09 0.47 -4.38
CA PHE A 9 0.23 1.35 -3.57
C PHE A 9 0.87 1.78 -2.25
N CYS A 10 1.28 3.03 -2.18
CA CYS A 10 1.78 3.63 -0.94
C CYS A 10 1.78 5.15 -1.02
N GLY A 1 -10.07 -0.21 5.23
CA GLY A 1 -8.76 0.38 5.51
C GLY A 1 -7.76 0.06 4.43
N PHE A 2 -6.82 0.96 4.22
CA PHE A 2 -5.80 0.76 3.20
C PHE A 2 -4.42 0.75 3.82
N ARG A 3 -3.55 -0.07 3.27
CA ARG A 3 -2.19 -0.17 3.75
C ARG A 3 -1.22 0.22 2.66
N SER A 4 -0.08 0.75 3.05
CA SER A 4 0.91 1.17 2.11
C SER A 4 1.79 0.00 1.76
N ALA A 5 1.29 -0.85 0.92
CA ALA A 5 2.03 -1.99 0.47
C ALA A 5 2.35 -1.84 -1.00
N CYS A 6 3.34 -1.05 -1.28
CA CYS A 6 3.80 -0.92 -2.63
C CYS A 6 4.90 -1.91 -2.92
N PRO A 7 5.07 -2.30 -4.17
CA PRO A 7 4.28 -1.77 -5.27
C PRO A 7 2.91 -2.47 -5.42
N PRO A 8 1.91 -1.78 -6.01
CA PRO A 8 2.02 -0.38 -6.44
C PRO A 8 1.09 0.56 -5.64
N PHE A 9 1.07 0.45 -4.30
CA PHE A 9 0.18 1.31 -3.49
C PHE A 9 0.84 1.80 -2.19
N CYS A 10 1.29 3.03 -2.18
CA CYS A 10 1.80 3.67 -0.96
C CYS A 10 1.86 5.18 -1.11
N GLY A 1 -8.38 -3.14 7.62
CA GLY A 1 -7.39 -2.04 7.54
C GLY A 1 -6.57 -2.13 6.29
N PHE A 2 -6.27 -0.97 5.70
CA PHE A 2 -5.48 -0.93 4.49
C PHE A 2 -4.06 -0.49 4.81
N ARG A 3 -3.12 -1.08 4.13
CA ARG A 3 -1.71 -0.78 4.36
C ARG A 3 -1.03 -0.37 3.07
N SER A 4 -0.01 0.46 3.20
CA SER A 4 0.74 0.94 2.08
C SER A 4 1.72 -0.11 1.64
N ALA A 5 1.22 -1.07 0.92
CA ALA A 5 2.02 -2.15 0.43
C ALA A 5 2.34 -1.95 -1.03
N CYS A 6 3.30 -1.12 -1.29
CA CYS A 6 3.75 -0.94 -2.65
C CYS A 6 4.91 -1.89 -2.92
N PRO A 7 5.09 -2.27 -4.18
CA PRO A 7 4.31 -1.78 -5.30
C PRO A 7 2.94 -2.47 -5.43
N PRO A 8 1.93 -1.77 -5.98
CA PRO A 8 2.02 -0.37 -6.40
C PRO A 8 1.10 0.57 -5.61
N PHE A 9 1.06 0.45 -4.29
CA PHE A 9 0.17 1.31 -3.48
C PHE A 9 0.81 1.79 -2.18
N CYS A 10 1.30 3.03 -2.20
CA CYS A 10 1.81 3.67 -0.98
C CYS A 10 1.89 5.19 -1.16
N GLY A 1 -8.24 -0.50 9.00
CA GLY A 1 -7.17 0.36 8.48
C GLY A 1 -6.59 -0.16 7.19
N PHE A 2 -6.11 0.73 6.36
CA PHE A 2 -5.51 0.36 5.08
C PHE A 2 -4.00 0.35 5.20
N ARG A 3 -3.37 -0.52 4.46
CA ARG A 3 -1.92 -0.63 4.48
C ARG A 3 -1.31 -0.22 3.15
N SER A 4 -0.14 0.36 3.21
CA SER A 4 0.55 0.82 2.04
C SER A 4 1.68 -0.12 1.70
N ALA A 5 1.33 -1.20 1.06
CA ALA A 5 2.30 -2.19 0.65
C ALA A 5 2.56 -2.06 -0.84
N CYS A 6 3.37 -1.11 -1.19
CA CYS A 6 3.77 -0.94 -2.56
C CYS A 6 4.91 -1.88 -2.90
N PRO A 7 5.08 -2.22 -4.18
CA PRO A 7 4.25 -1.71 -5.28
C PRO A 7 2.91 -2.44 -5.40
N PRO A 8 1.90 -1.78 -5.99
CA PRO A 8 1.99 -0.41 -6.46
C PRO A 8 1.06 0.55 -5.67
N PHE A 9 1.06 0.45 -4.34
CA PHE A 9 0.17 1.32 -3.54
C PHE A 9 0.82 1.78 -2.22
N CYS A 10 1.32 3.01 -2.20
CA CYS A 10 1.82 3.63 -0.97
C CYS A 10 1.92 5.14 -1.12
N GLY A 1 -6.46 2.93 10.41
CA GLY A 1 -5.06 2.77 9.98
C GLY A 1 -4.90 2.93 8.50
N PHE A 2 -3.74 3.38 8.06
CA PHE A 2 -3.48 3.57 6.65
C PHE A 2 -2.90 2.30 6.05
N ARG A 3 -3.22 2.06 4.80
CA ARG A 3 -2.72 0.91 4.09
C ARG A 3 -1.78 1.33 2.98
N SER A 4 -0.59 0.80 3.01
CA SER A 4 0.42 1.15 2.03
C SER A 4 1.45 0.05 1.90
N ALA A 5 1.28 -0.76 0.89
CA ALA A 5 2.21 -1.81 0.59
C ALA A 5 2.54 -1.80 -0.89
N CYS A 6 3.41 -0.90 -1.28
CA CYS A 6 3.84 -0.85 -2.66
C CYS A 6 4.94 -1.86 -2.92
N PRO A 7 5.07 -2.31 -4.17
CA PRO A 7 4.25 -1.85 -5.29
C PRO A 7 2.87 -2.50 -5.33
N PRO A 8 1.87 -1.82 -5.93
CA PRO A 8 2.00 -0.48 -6.45
C PRO A 8 1.09 0.54 -5.72
N PHE A 9 1.06 0.50 -4.39
CA PHE A 9 0.20 1.43 -3.62
C PHE A 9 0.82 1.81 -2.27
N CYS A 10 1.29 3.04 -2.17
CA CYS A 10 1.80 3.57 -0.90
C CYS A 10 1.85 5.09 -0.91
N GLY A 1 -7.85 1.94 8.70
CA GLY A 1 -6.40 1.71 8.69
C GLY A 1 -5.87 1.44 7.30
N PHE A 2 -4.92 2.24 6.87
CA PHE A 2 -4.33 2.08 5.55
C PHE A 2 -2.92 1.54 5.65
N ARG A 3 -2.57 0.64 4.78
CA ARG A 3 -1.25 0.07 4.76
C ARG A 3 -0.52 0.46 3.50
N SER A 4 0.76 0.71 3.62
CA SER A 4 1.56 1.11 2.51
C SER A 4 2.32 -0.08 1.96
N ALA A 5 1.64 -0.87 1.19
CA ALA A 5 2.23 -2.04 0.59
C ALA A 5 2.44 -1.83 -0.89
N CYS A 6 3.46 -1.11 -1.21
CA CYS A 6 3.84 -0.95 -2.58
C CYS A 6 4.94 -1.93 -2.93
N PRO A 7 5.07 -2.31 -4.19
CA PRO A 7 4.25 -1.76 -5.27
C PRO A 7 2.88 -2.46 -5.39
N PRO A 8 1.90 -1.77 -5.98
CA PRO A 8 2.02 -0.40 -6.44
C PRO A 8 1.10 0.57 -5.67
N PHE A 9 1.06 0.49 -4.34
CA PHE A 9 0.17 1.37 -3.55
C PHE A 9 0.77 1.80 -2.22
N CYS A 10 1.28 3.03 -2.18
CA CYS A 10 1.77 3.66 -0.95
C CYS A 10 1.87 5.17 -1.11
N GLY A 1 -10.51 -4.08 2.45
CA GLY A 1 -9.56 -3.06 2.94
C GLY A 1 -8.21 -3.20 2.27
N PHE A 2 -7.57 -2.08 1.97
CA PHE A 2 -6.28 -2.11 1.33
C PHE A 2 -5.21 -1.44 2.19
N ARG A 3 -4.06 -2.04 2.21
CA ARG A 3 -2.92 -1.54 2.97
C ARG A 3 -1.86 -1.02 2.02
N SER A 4 -1.07 -0.08 2.49
CA SER A 4 -0.05 0.53 1.68
C SER A 4 1.16 -0.36 1.57
N ALA A 5 1.04 -1.33 0.73
CA ALA A 5 2.13 -2.24 0.45
C ALA A 5 2.51 -2.13 -0.99
N CYS A 6 3.29 -1.12 -1.31
CA CYS A 6 3.77 -0.94 -2.65
C CYS A 6 4.92 -1.89 -2.93
N PRO A 7 5.12 -2.27 -4.19
CA PRO A 7 4.30 -1.79 -5.31
C PRO A 7 2.93 -2.47 -5.39
N PRO A 8 1.92 -1.79 -5.95
CA PRO A 8 2.01 -0.41 -6.41
C PRO A 8 1.08 0.55 -5.64
N PHE A 9 1.07 0.48 -4.30
CA PHE A 9 0.18 1.34 -3.51
C PHE A 9 0.80 1.82 -2.19
N CYS A 10 1.30 3.04 -2.17
CA CYS A 10 1.78 3.67 -0.94
C CYS A 10 1.90 5.19 -1.11
N GLY A 1 -8.12 -5.30 7.51
CA GLY A 1 -7.28 -4.08 7.61
C GLY A 1 -6.69 -3.69 6.28
N PHE A 2 -6.46 -2.40 6.10
CA PHE A 2 -5.88 -1.90 4.87
C PHE A 2 -4.42 -1.54 5.08
N ARG A 3 -3.60 -1.87 4.11
CA ARG A 3 -2.18 -1.61 4.19
C ARG A 3 -1.66 -1.04 2.90
N SER A 4 -0.61 -0.25 3.00
CA SER A 4 0.01 0.35 1.85
C SER A 4 1.29 -0.38 1.54
N ALA A 5 1.14 -1.50 0.90
CA ALA A 5 2.24 -2.33 0.55
C ALA A 5 2.58 -2.19 -0.92
N CYS A 6 3.30 -1.16 -1.24
CA CYS A 6 3.75 -0.96 -2.61
C CYS A 6 4.93 -1.86 -2.92
N PRO A 7 5.13 -2.22 -4.20
CA PRO A 7 4.28 -1.73 -5.30
C PRO A 7 2.92 -2.45 -5.37
N PRO A 8 1.90 -1.79 -5.95
CA PRO A 8 1.99 -0.41 -6.44
C PRO A 8 1.06 0.54 -5.66
N PHE A 9 1.06 0.48 -4.32
CA PHE A 9 0.18 1.34 -3.53
C PHE A 9 0.82 1.80 -2.22
N CYS A 10 1.31 3.03 -2.20
CA CYS A 10 1.81 3.65 -0.96
C CYS A 10 1.92 5.16 -1.11
N GLY A 1 -8.12 2.48 8.68
CA GLY A 1 -6.84 2.89 8.11
C GLY A 1 -6.47 2.04 6.92
N PHE A 2 -5.83 2.66 5.94
CA PHE A 2 -5.43 1.96 4.73
C PHE A 2 -3.97 1.53 4.82
N ARG A 3 -3.64 0.44 4.18
CA ARG A 3 -2.29 -0.10 4.21
C ARG A 3 -1.48 0.40 3.03
N SER A 4 -0.19 0.59 3.25
CA SER A 4 0.70 1.05 2.23
C SER A 4 1.70 -0.03 1.90
N ALA A 5 1.32 -0.89 1.00
CA ALA A 5 2.18 -1.95 0.56
C ALA A 5 2.44 -1.85 -0.92
N CYS A 6 3.35 -0.99 -1.28
CA CYS A 6 3.78 -0.88 -2.65
C CYS A 6 4.91 -1.84 -2.92
N PRO A 7 5.08 -2.27 -4.18
CA PRO A 7 4.26 -1.82 -5.30
C PRO A 7 2.89 -2.50 -5.37
N PRO A 8 1.88 -1.82 -5.94
CA PRO A 8 2.00 -0.46 -6.45
C PRO A 8 1.10 0.54 -5.68
N PHE A 9 1.08 0.48 -4.36
CA PHE A 9 0.21 1.39 -3.57
C PHE A 9 0.84 1.79 -2.24
N CYS A 10 1.31 3.03 -2.16
CA CYS A 10 1.81 3.60 -0.92
C CYS A 10 1.86 5.12 -1.00
N GLY A 1 -7.21 -3.38 10.27
CA GLY A 1 -6.53 -2.26 9.59
C GLY A 1 -6.15 -2.60 8.18
N PHE A 2 -6.11 -1.61 7.31
CA PHE A 2 -5.76 -1.85 5.92
C PHE A 2 -4.25 -1.72 5.73
N ARG A 3 -3.72 -2.56 4.86
CA ARG A 3 -2.29 -2.59 4.59
C ARG A 3 -2.04 -2.63 3.10
N SER A 4 -0.92 -2.09 2.66
CA SER A 4 -0.59 -2.04 1.27
C SER A 4 0.90 -2.13 1.06
N ALA A 5 1.37 -3.33 0.80
CA ALA A 5 2.75 -3.58 0.51
C ALA A 5 3.01 -3.21 -0.91
N CYS A 6 3.36 -1.99 -1.09
CA CYS A 6 3.64 -1.46 -2.41
C CYS A 6 5.00 -1.93 -2.89
N PRO A 7 5.27 -1.89 -4.20
CA PRO A 7 4.33 -1.36 -5.22
C PRO A 7 3.06 -2.22 -5.37
N PRO A 8 1.98 -1.65 -5.94
CA PRO A 8 1.92 -0.27 -6.37
C PRO A 8 0.91 0.58 -5.57
N PHE A 9 0.93 0.48 -4.24
CA PHE A 9 -0.02 1.27 -3.43
C PHE A 9 0.64 1.87 -2.17
N CYS A 10 1.30 3.02 -2.33
CA CYS A 10 1.86 3.75 -1.20
C CYS A 10 2.18 5.20 -1.58
N GLY A 1 -8.54 1.37 8.80
CA GLY A 1 -7.09 1.21 8.71
C GLY A 1 -6.67 0.49 7.45
N PHE A 2 -6.25 1.24 6.45
CA PHE A 2 -5.83 0.66 5.19
C PHE A 2 -4.34 0.41 5.17
N ARG A 3 -3.94 -0.63 4.48
CA ARG A 3 -2.54 -1.00 4.39
C ARG A 3 -1.97 -0.54 3.06
N SER A 4 -0.70 -0.19 3.07
CA SER A 4 -0.04 0.29 1.89
C SER A 4 1.25 -0.47 1.67
N ALA A 5 1.16 -1.53 0.91
CA ALA A 5 2.29 -2.35 0.59
C ALA A 5 2.61 -2.23 -0.87
N CYS A 6 3.33 -1.20 -1.20
CA CYS A 6 3.75 -1.00 -2.58
C CYS A 6 4.93 -1.90 -2.92
N PRO A 7 5.12 -2.22 -4.20
CA PRO A 7 4.27 -1.71 -5.29
C PRO A 7 2.92 -2.43 -5.40
N PRO A 8 1.91 -1.76 -5.97
CA PRO A 8 1.99 -0.39 -6.44
C PRO A 8 1.06 0.56 -5.65
N PHE A 9 1.06 0.46 -4.32
CA PHE A 9 0.18 1.31 -3.50
C PHE A 9 0.83 1.79 -2.20
N CYS A 10 1.30 3.04 -2.20
CA CYS A 10 1.82 3.68 -0.99
C CYS A 10 1.89 5.18 -1.16
N GLY A 1 -9.63 1.51 5.13
CA GLY A 1 -8.37 2.26 5.29
C GLY A 1 -7.34 1.86 4.25
N PHE A 2 -6.50 2.80 3.89
CA PHE A 2 -5.47 2.55 2.91
C PHE A 2 -4.21 2.04 3.58
N ARG A 3 -3.55 1.12 2.92
CA ARG A 3 -2.35 0.52 3.44
C ARG A 3 -1.16 0.85 2.56
N SER A 4 0.00 0.92 3.16
CA SER A 4 1.20 1.21 2.41
C SER A 4 1.91 -0.06 2.05
N ALA A 5 1.42 -0.69 1.03
CA ALA A 5 2.04 -1.88 0.53
C ALA A 5 2.35 -1.73 -0.94
N CYS A 6 3.42 -1.03 -1.22
CA CYS A 6 3.86 -0.90 -2.57
C CYS A 6 4.90 -1.96 -2.89
N PRO A 7 5.02 -2.33 -4.16
CA PRO A 7 4.26 -1.73 -5.24
C PRO A 7 2.91 -2.42 -5.47
N PRO A 8 1.93 -1.71 -6.05
CA PRO A 8 2.05 -0.30 -6.42
C PRO A 8 1.10 0.61 -5.61
N PHE A 9 1.03 0.43 -4.28
CA PHE A 9 0.12 1.24 -3.47
C PHE A 9 0.75 1.75 -2.16
N CYS A 10 1.30 2.97 -2.21
CA CYS A 10 1.79 3.63 -1.01
C CYS A 10 1.96 5.13 -1.26
N GLY A 1 -8.47 -4.18 6.90
CA GLY A 1 -7.76 -2.89 6.90
C GLY A 1 -6.84 -2.76 5.71
N PHE A 2 -6.73 -1.56 5.17
CA PHE A 2 -5.87 -1.32 4.02
C PHE A 2 -4.47 -0.93 4.48
N ARG A 3 -3.48 -1.38 3.74
CA ARG A 3 -2.10 -1.11 4.07
C ARG A 3 -1.34 -0.63 2.85
N SER A 4 -0.34 0.20 3.07
CA SER A 4 0.46 0.72 1.99
C SER A 4 1.60 -0.21 1.69
N ALA A 5 1.29 -1.25 0.98
CA ALA A 5 2.28 -2.21 0.60
C ALA A 5 2.57 -2.10 -0.88
N CYS A 6 3.36 -1.12 -1.23
CA CYS A 6 3.77 -0.95 -2.60
C CYS A 6 4.93 -1.87 -2.92
N PRO A 7 5.12 -2.22 -4.19
CA PRO A 7 4.27 -1.75 -5.28
C PRO A 7 2.91 -2.45 -5.33
N PRO A 8 1.89 -1.79 -5.94
CA PRO A 8 1.98 -0.44 -6.46
C PRO A 8 1.06 0.54 -5.70
N PHE A 9 1.06 0.49 -4.36
CA PHE A 9 0.19 1.37 -3.57
C PHE A 9 0.82 1.81 -2.25
N CYS A 10 1.31 3.04 -2.20
CA CYS A 10 1.81 3.62 -0.95
C CYS A 10 1.90 5.14 -1.04
N GLY A 1 -6.52 -4.73 9.34
CA GLY A 1 -5.59 -3.58 9.24
C GLY A 1 -5.18 -3.32 7.81
N PHE A 2 -4.90 -2.07 7.50
CA PHE A 2 -4.50 -1.69 6.16
C PHE A 2 -3.08 -1.20 6.13
N ARG A 3 -2.31 -1.68 5.19
CA ARG A 3 -0.93 -1.30 5.04
C ARG A 3 -0.65 -0.86 3.62
N SER A 4 0.30 0.02 3.47
CA SER A 4 0.68 0.49 2.18
C SER A 4 1.86 -0.33 1.68
N ALA A 5 1.55 -1.52 1.22
CA ALA A 5 2.55 -2.43 0.75
C ALA A 5 2.73 -2.28 -0.74
N CYS A 6 3.45 -1.27 -1.11
CA CYS A 6 3.77 -1.05 -2.49
C CYS A 6 4.93 -1.95 -2.90
N PRO A 7 5.12 -2.19 -4.20
CA PRO A 7 4.29 -1.63 -5.26
C PRO A 7 2.96 -2.38 -5.40
N PRO A 8 1.94 -1.72 -5.99
CA PRO A 8 1.98 -0.34 -6.44
C PRO A 8 1.01 0.58 -5.65
N PHE A 9 1.00 0.47 -4.32
CA PHE A 9 0.09 1.30 -3.52
C PHE A 9 0.71 1.80 -2.21
N CYS A 10 1.30 2.99 -2.24
CA CYS A 10 1.80 3.65 -1.03
C CYS A 10 2.03 5.14 -1.26
N GLY A 1 -6.41 -0.09 11.17
CA GLY A 1 -5.17 -0.56 10.54
C GLY A 1 -5.02 -0.03 9.13
N PHE A 2 -3.93 0.66 8.88
CA PHE A 2 -3.67 1.20 7.56
C PHE A 2 -2.63 0.35 6.86
N ARG A 3 -2.87 0.08 5.60
CA ARG A 3 -1.96 -0.73 4.83
C ARG A 3 -1.59 -0.06 3.53
N SER A 4 -0.32 -0.15 3.19
CA SER A 4 0.18 0.41 1.96
C SER A 4 1.41 -0.39 1.52
N ALA A 5 1.15 -1.53 0.92
CA ALA A 5 2.21 -2.41 0.52
C ALA A 5 2.51 -2.23 -0.94
N CYS A 6 3.25 -1.20 -1.24
CA CYS A 6 3.69 -0.97 -2.59
C CYS A 6 4.89 -1.86 -2.90
N PRO A 7 5.12 -2.16 -4.17
CA PRO A 7 4.31 -1.67 -5.29
C PRO A 7 2.98 -2.42 -5.42
N PRO A 8 1.94 -1.76 -5.98
CA PRO A 8 2.00 -0.38 -6.42
C PRO A 8 1.04 0.54 -5.62
N PHE A 9 1.04 0.44 -4.29
CA PHE A 9 0.15 1.28 -3.47
C PHE A 9 0.79 1.79 -2.18
N CYS A 10 1.32 3.00 -2.21
CA CYS A 10 1.85 3.66 -1.00
C CYS A 10 2.02 5.15 -1.22
N GLY A 1 -9.37 3.75 5.53
CA GLY A 1 -7.91 3.73 5.70
C GLY A 1 -7.24 2.92 4.61
N PHE A 2 -6.28 3.52 3.93
CA PHE A 2 -5.56 2.82 2.87
C PHE A 2 -4.35 2.11 3.41
N ARG A 3 -4.03 0.96 2.84
CA ARG A 3 -2.88 0.18 3.26
C ARG A 3 -1.67 0.52 2.41
N SER A 4 -0.50 0.39 2.98
CA SER A 4 0.72 0.70 2.30
C SER A 4 1.42 -0.56 1.82
N ALA A 5 0.98 -1.04 0.70
CA ALA A 5 1.59 -2.19 0.09
C ALA A 5 2.06 -1.84 -1.30
N CYS A 6 3.19 -1.19 -1.37
CA CYS A 6 3.78 -0.91 -2.63
C CYS A 6 4.93 -1.86 -2.90
N PRO A 7 5.11 -2.23 -4.15
CA PRO A 7 4.31 -1.71 -5.26
C PRO A 7 2.97 -2.43 -5.40
N PRO A 8 1.95 -1.74 -5.97
CA PRO A 8 2.03 -0.35 -6.39
C PRO A 8 1.07 0.56 -5.59
N PHE A 9 1.03 0.44 -4.25
CA PHE A 9 0.10 1.27 -3.46
C PHE A 9 0.72 1.80 -2.15
N CYS A 10 1.33 2.97 -2.21
CA CYS A 10 1.81 3.65 -0.99
C CYS A 10 2.06 5.13 -1.28
N GLY A 1 -10.00 1.60 5.95
CA GLY A 1 -8.60 1.30 6.28
C GLY A 1 -7.95 0.42 5.25
N PHE A 2 -6.89 0.92 4.64
CA PHE A 2 -6.17 0.17 3.63
C PHE A 2 -4.69 0.18 3.94
N ARG A 3 -4.02 -0.90 3.58
CA ARG A 3 -2.60 -1.02 3.83
C ARG A 3 -1.81 -0.52 2.62
N SER A 4 -0.70 0.14 2.88
CA SER A 4 0.12 0.68 1.83
C SER A 4 1.33 -0.20 1.60
N ALA A 5 1.12 -1.24 0.85
CA ALA A 5 2.16 -2.16 0.51
C ALA A 5 2.53 -2.05 -0.94
N CYS A 6 3.33 -1.08 -1.25
CA CYS A 6 3.80 -0.89 -2.61
C CYS A 6 4.93 -1.85 -2.91
N PRO A 7 5.10 -2.23 -4.18
CA PRO A 7 4.25 -1.73 -5.27
C PRO A 7 2.89 -2.46 -5.34
N PRO A 8 1.88 -1.82 -5.94
CA PRO A 8 1.97 -0.46 -6.46
C PRO A 8 1.06 0.52 -5.70
N PHE A 9 1.07 0.48 -4.37
CA PHE A 9 0.20 1.37 -3.58
C PHE A 9 0.84 1.80 -2.25
N CYS A 10 1.34 3.03 -2.19
CA CYS A 10 1.80 3.61 -0.92
C CYS A 10 1.91 5.12 -1.02
N GLY A 1 -9.92 -2.41 6.05
CA GLY A 1 -8.82 -1.44 6.14
C GLY A 1 -7.89 -1.55 4.97
N PHE A 2 -7.27 -0.45 4.59
CA PHE A 2 -6.37 -0.45 3.46
C PHE A 2 -4.92 -0.40 3.92
N ARG A 3 -4.08 -1.11 3.20
CA ARG A 3 -2.67 -1.20 3.51
C ARG A 3 -1.85 -0.56 2.43
N SER A 4 -0.71 -0.02 2.80
CA SER A 4 0.19 0.58 1.86
C SER A 4 1.24 -0.44 1.47
N ALA A 5 0.86 -1.34 0.62
CA ALA A 5 1.75 -2.38 0.17
C ALA A 5 2.20 -2.09 -1.24
N CYS A 6 3.13 -1.21 -1.38
CA CYS A 6 3.72 -0.93 -2.66
C CYS A 6 4.89 -1.86 -2.90
N PRO A 7 5.13 -2.22 -4.16
CA PRO A 7 4.35 -1.72 -5.29
C PRO A 7 2.98 -2.43 -5.44
N PRO A 8 1.97 -1.73 -5.98
CA PRO A 8 2.04 -0.33 -6.36
C PRO A 8 1.07 0.57 -5.56
N PHE A 9 1.04 0.42 -4.22
CA PHE A 9 0.12 1.22 -3.41
C PHE A 9 0.75 1.78 -2.13
N CYS A 10 1.34 2.97 -2.21
CA CYS A 10 1.82 3.69 -1.01
C CYS A 10 2.04 5.17 -1.31
N GLY A 1 -7.10 -0.19 10.28
CA GLY A 1 -6.22 -1.06 9.49
C GLY A 1 -5.93 -0.48 8.13
N PHE A 2 -4.88 0.31 8.03
CA PHE A 2 -4.49 0.90 6.76
C PHE A 2 -3.27 0.19 6.23
N ARG A 3 -3.36 -0.28 5.01
CA ARG A 3 -2.27 -1.03 4.41
C ARG A 3 -1.73 -0.32 3.19
N SER A 4 -0.42 -0.23 3.13
CA SER A 4 0.26 0.39 2.02
C SER A 4 1.39 -0.52 1.57
N ALA A 5 1.05 -1.52 0.79
CA ALA A 5 2.01 -2.48 0.33
C ALA A 5 2.36 -2.21 -1.11
N CYS A 6 3.22 -1.25 -1.30
CA CYS A 6 3.72 -0.97 -2.63
C CYS A 6 4.94 -1.82 -2.92
N PRO A 7 5.15 -2.16 -4.19
CA PRO A 7 4.30 -1.71 -5.29
C PRO A 7 2.95 -2.45 -5.34
N PRO A 8 1.91 -1.80 -5.92
CA PRO A 8 1.97 -0.44 -6.43
C PRO A 8 1.04 0.53 -5.67
N PHE A 9 1.06 0.48 -4.32
CA PHE A 9 0.18 1.35 -3.54
C PHE A 9 0.81 1.81 -2.21
N CYS A 10 1.34 3.03 -2.19
CA CYS A 10 1.81 3.66 -0.96
C CYS A 10 1.96 5.17 -1.13
N GLY A 1 -9.85 -0.32 6.01
CA GLY A 1 -8.43 -0.49 6.37
C GLY A 1 -7.52 -0.14 5.22
N PHE A 2 -6.59 0.75 5.45
CA PHE A 2 -5.64 1.14 4.41
C PHE A 2 -4.31 0.49 4.65
N ARG A 3 -3.74 -0.04 3.61
CA ARG A 3 -2.45 -0.68 3.68
C ARG A 3 -1.55 -0.21 2.55
N SER A 4 -0.46 0.39 2.92
CA SER A 4 0.46 0.92 1.95
C SER A 4 1.58 -0.07 1.71
N ALA A 5 1.27 -1.06 0.92
CA ALA A 5 2.22 -2.06 0.56
C ALA A 5 2.53 -1.97 -0.91
N CYS A 6 3.37 -1.03 -1.28
CA CYS A 6 3.80 -0.92 -2.65
C CYS A 6 4.92 -1.91 -2.93
N PRO A 7 5.08 -2.31 -4.19
CA PRO A 7 4.27 -1.82 -5.32
C PRO A 7 2.89 -2.48 -5.38
N PRO A 8 1.88 -1.78 -5.95
CA PRO A 8 2.02 -0.41 -6.44
C PRO A 8 1.11 0.57 -5.65
N PHE A 9 1.09 0.48 -4.32
CA PHE A 9 0.21 1.35 -3.53
C PHE A 9 0.85 1.80 -2.21
N CYS A 10 1.29 3.04 -2.17
CA CYS A 10 1.78 3.67 -0.94
C CYS A 10 1.81 5.18 -1.06
N GLY A 1 -6.76 -4.83 9.30
CA GLY A 1 -6.06 -3.54 9.15
C GLY A 1 -5.55 -3.35 7.75
N PHE A 2 -5.63 -2.13 7.24
CA PHE A 2 -5.17 -1.83 5.90
C PHE A 2 -3.70 -1.42 5.90
N ARG A 3 -2.99 -1.81 4.87
CA ARG A 3 -1.57 -1.51 4.75
C ARG A 3 -1.24 -1.05 3.35
N SER A 4 -0.22 -0.21 3.24
CA SER A 4 0.22 0.29 1.97
C SER A 4 1.44 -0.48 1.52
N ALA A 5 1.21 -1.65 1.01
CA ALA A 5 2.26 -2.52 0.55
C ALA A 5 2.53 -2.32 -0.90
N CYS A 6 3.28 -1.30 -1.20
CA CYS A 6 3.69 -1.05 -2.56
C CYS A 6 4.90 -1.89 -2.90
N PRO A 7 5.13 -2.15 -4.19
CA PRO A 7 4.31 -1.64 -5.28
C PRO A 7 2.98 -2.39 -5.42
N PRO A 8 1.95 -1.74 -5.99
CA PRO A 8 1.99 -0.36 -6.42
C PRO A 8 1.03 0.56 -5.60
N PHE A 9 1.03 0.44 -4.27
CA PHE A 9 0.12 1.26 -3.46
C PHE A 9 0.79 1.79 -2.18
N CYS A 10 1.32 3.01 -2.23
CA CYS A 10 1.83 3.69 -1.04
C CYS A 10 2.01 5.18 -1.27
#